data_1TC0
#
_entry.id   1TC0
#
_cell.length_a   159.013
_cell.length_b   159.013
_cell.length_c   109.472
_cell.angle_alpha   90.00
_cell.angle_beta   90.00
_cell.angle_gamma   120.00
#
_symmetry.space_group_name_H-M   'H 3 2'
#
loop_
_entity.id
_entity.type
_entity.pdbx_description
1 polymer Endoplasmin
2 non-polymer 'MAGNESIUM ION'
3 non-polymer "ADENOSINE-5'-TRIPHOSPHATE"
4 non-polymer 'TETRAETHYLENE GLYCOL'
5 water water
#
_entity_poly.entity_id   1
_entity_poly.type   'polypeptide(L)'
_entity_poly.pdbx_seq_one_letter_code
;GSHMLREKSEKFAFQAEVNRMMKLIINSLYKNKEIFLRELISNASDALDKIRLISLTDENALAGNEELTVKIKCDKEKNL
LHVTDTGVGMTREELVKNLGTIAKSGTSEFLNKMTEAQEDGQSTSELIGQFGVGFYSAFLVADKVIVTSKHNNDTQHIWE
SDSNEFSVIADPRGNTLGRGTTITLVLKEEASDYLELDTIKNLVKKYSQFINFPIYVWSSKTGGGGKTVWDWELMN
;
_entity_poly.pdbx_strand_id   A,B
#
loop_
_chem_comp.id
_chem_comp.type
_chem_comp.name
_chem_comp.formula
ATP non-polymer ADENOSINE-5'-TRIPHOSPHATE 'C10 H16 N5 O13 P3'
MG non-polymer 'MAGNESIUM ION' 'Mg 2'
PG4 non-polymer 'TETRAETHYLENE GLYCOL' 'C8 H18 O5'
#
# COMPACT_ATOMS: atom_id res chain seq x y z
N PHE A 12 -2.76 15.18 27.29
CA PHE A 12 -3.00 15.15 25.81
C PHE A 12 -2.69 13.78 25.23
N ALA A 13 -2.56 12.79 26.11
CA ALA A 13 -2.22 11.42 25.70
C ALA A 13 -3.28 10.71 24.85
N PHE A 14 -4.55 11.04 25.09
CA PHE A 14 -5.66 10.42 24.36
C PHE A 14 -5.68 10.77 22.87
N GLN A 15 -5.64 12.06 22.57
CA GLN A 15 -5.67 12.54 21.19
C GLN A 15 -4.53 11.89 20.39
N ALA A 16 -3.37 11.78 21.03
CA ALA A 16 -2.20 11.17 20.40
C ALA A 16 -2.42 9.67 20.22
N GLU A 17 -3.22 9.08 21.09
CA GLU A 17 -3.50 7.64 20.99
C GLU A 17 -4.32 7.38 19.74
N VAL A 18 -5.21 8.31 19.42
CA VAL A 18 -6.06 8.21 18.25
C VAL A 18 -5.20 8.49 17.01
N ASN A 19 -4.34 9.49 17.13
CA ASN A 19 -3.43 9.91 16.07
C ASN A 19 -2.50 8.80 15.64
N ARG A 20 -1.65 8.35 16.57
CA ARG A 20 -0.69 7.29 16.30
C ARG A 20 -1.37 6.00 15.83
N MET A 21 -2.63 5.82 16.24
CA MET A 21 -3.39 4.63 15.86
C MET A 21 -3.89 4.76 14.43
N MET A 22 -4.39 5.96 14.12
CA MET A 22 -4.91 6.28 12.80
C MET A 22 -3.92 5.89 11.70
N LYS A 23 -2.63 5.88 12.07
CA LYS A 23 -1.55 5.55 11.15
C LYS A 23 -1.27 4.05 11.10
N LEU A 24 -1.26 3.41 12.26
CA LEU A 24 -1.01 1.97 12.33
C LEU A 24 -2.04 1.23 11.46
N ILE A 25 -3.13 1.94 11.16
CA ILE A 25 -4.21 1.39 10.34
C ILE A 25 -3.98 1.68 8.86
N ILE A 26 -3.61 2.92 8.56
CA ILE A 26 -3.35 3.36 7.18
C ILE A 26 -2.11 2.66 6.61
N ASN A 27 -1.12 2.47 7.47
CA ASN A 27 0.12 1.80 7.06
C ASN A 27 -0.20 0.37 6.65
N SER A 28 -1.36 -0.12 7.06
CA SER A 28 -1.77 -1.48 6.72
C SER A 28 -2.36 -1.59 5.31
N LEU A 29 -2.72 -0.45 4.72
CA LEU A 29 -3.28 -0.43 3.36
C LEU A 29 -2.22 -0.55 2.28
N TYR A 30 -0.97 -0.36 2.67
CA TYR A 30 0.14 -0.46 1.73
C TYR A 30 0.74 -1.85 1.76
N LYS A 31 0.57 -2.58 0.66
CA LYS A 31 1.10 -3.93 0.54
C LYS A 31 2.57 -3.87 0.11
N ASN A 32 2.84 -3.05 -0.91
CA ASN A 32 4.20 -2.89 -1.42
C ASN A 32 4.81 -1.60 -0.86
N LYS A 33 5.12 -1.62 0.44
CA LYS A 33 5.70 -0.47 1.10
C LYS A 33 7.14 -0.24 0.66
N GLU A 34 7.64 -1.15 -0.18
CA GLU A 34 9.00 -1.05 -0.68
C GLU A 34 9.28 0.28 -1.37
N ILE A 35 8.23 0.92 -1.85
CA ILE A 35 8.36 2.18 -2.54
C ILE A 35 9.10 3.24 -1.74
N PHE A 36 9.16 3.08 -0.42
CA PHE A 36 9.86 4.04 0.42
C PHE A 36 11.29 4.17 -0.10
N LEU A 37 11.92 3.04 -0.43
CA LEU A 37 13.28 3.06 -0.93
C LEU A 37 13.38 3.86 -2.24
N ARG A 38 12.36 3.69 -3.09
CA ARG A 38 12.32 4.39 -4.36
C ARG A 38 12.31 5.91 -4.13
N GLU A 39 11.51 6.34 -3.18
CA GLU A 39 11.43 7.76 -2.88
C GLU A 39 12.75 8.31 -2.33
N LEU A 40 13.41 7.54 -1.47
CA LEU A 40 14.68 8.00 -0.91
C LEU A 40 15.76 8.05 -1.99
N ILE A 41 15.74 7.10 -2.92
CA ILE A 41 16.71 7.06 -4.02
C ILE A 41 16.48 8.32 -4.85
N SER A 42 15.23 8.53 -5.20
CA SER A 42 14.84 9.69 -6.00
C SER A 42 15.30 11.02 -5.39
N ASN A 43 15.17 11.16 -4.08
CA ASN A 43 15.60 12.39 -3.42
C ASN A 43 17.12 12.51 -3.44
N ALA A 44 17.80 11.38 -3.29
CA ALA A 44 19.24 11.38 -3.31
C ALA A 44 19.66 11.81 -4.71
N SER A 45 18.94 11.31 -5.71
CA SER A 45 19.24 11.62 -7.11
C SER A 45 19.06 13.11 -7.41
N ASP A 46 18.01 13.69 -6.85
CA ASP A 46 17.73 15.11 -7.04
C ASP A 46 18.85 15.93 -6.43
N ALA A 47 19.23 15.59 -5.19
CA ALA A 47 20.26 16.31 -4.48
C ALA A 47 21.58 16.25 -5.24
N LEU A 48 21.85 15.10 -5.84
CA LEU A 48 23.09 14.96 -6.59
C LEU A 48 23.04 15.80 -7.87
N ASP A 49 21.88 15.82 -8.51
CA ASP A 49 21.74 16.60 -9.74
C ASP A 49 21.87 18.08 -9.44
N LYS A 50 21.42 18.50 -8.26
CA LYS A 50 21.51 19.92 -7.92
C LYS A 50 22.94 20.38 -7.74
N ILE A 51 23.74 19.61 -7.01
CA ILE A 51 25.12 20.00 -6.75
C ILE A 51 25.98 19.79 -8.00
N ARG A 52 25.65 18.78 -8.78
CA ARG A 52 26.36 18.51 -10.02
C ARG A 52 26.14 19.73 -10.93
N LEU A 53 24.89 20.15 -11.04
CA LEU A 53 24.52 21.30 -11.87
C LEU A 53 25.26 22.56 -11.42
N ILE A 54 25.28 22.79 -10.11
CA ILE A 54 25.96 23.96 -9.55
C ILE A 54 27.47 23.91 -9.85
N SER A 55 28.06 22.72 -9.75
CA SER A 55 29.51 22.56 -9.98
C SER A 55 29.91 22.90 -11.41
N LEU A 56 28.96 22.86 -12.34
CA LEU A 56 29.25 23.19 -13.72
C LEU A 56 29.41 24.70 -13.89
N THR A 57 29.18 25.45 -12.82
CA THR A 57 29.29 26.90 -12.83
C THR A 57 30.19 27.40 -11.72
N ASP A 58 30.33 26.61 -10.66
CA ASP A 58 31.16 26.98 -9.52
C ASP A 58 32.22 25.90 -9.28
N GLU A 59 33.47 26.26 -9.53
CA GLU A 59 34.58 25.32 -9.39
C GLU A 59 34.89 24.90 -7.97
N ASN A 60 34.31 25.57 -6.98
CA ASN A 60 34.56 25.23 -5.58
C ASN A 60 33.42 24.44 -4.94
N ALA A 61 32.31 24.30 -5.67
CA ALA A 61 31.14 23.61 -5.17
C ALA A 61 31.35 22.23 -4.57
N LEU A 62 32.27 21.44 -5.12
CA LEU A 62 32.51 20.09 -4.63
C LEU A 62 33.63 20.00 -3.62
N ALA A 63 34.15 21.14 -3.21
CA ALA A 63 35.26 21.18 -2.26
C ALA A 63 35.05 20.32 -1.01
N GLY A 64 33.87 20.39 -0.42
CA GLY A 64 33.59 19.62 0.80
C GLY A 64 33.62 18.11 0.66
N ASN A 65 33.47 17.61 -0.55
CA ASN A 65 33.46 16.17 -0.80
C ASN A 65 33.38 16.02 -2.31
N GLU A 66 34.42 15.44 -2.89
CA GLU A 66 34.52 15.27 -4.34
C GLU A 66 33.69 14.17 -4.97
N GLU A 67 33.37 13.13 -4.20
CA GLU A 67 32.61 12.05 -4.81
C GLU A 67 31.14 12.42 -4.95
N LEU A 68 30.47 11.76 -5.87
CA LEU A 68 29.05 11.98 -6.13
C LEU A 68 28.46 10.58 -6.14
N THR A 69 27.97 10.14 -4.99
CA THR A 69 27.44 8.78 -4.88
C THR A 69 26.26 8.67 -3.94
N VAL A 70 25.66 7.48 -3.93
CA VAL A 70 24.59 7.14 -3.01
C VAL A 70 25.10 5.81 -2.44
N LYS A 71 25.07 5.70 -1.13
CA LYS A 71 25.57 4.52 -0.44
C LYS A 71 24.57 4.04 0.60
N ILE A 72 24.15 2.80 0.46
CA ILE A 72 23.17 2.23 1.36
C ILE A 72 23.79 1.10 2.21
N LYS A 73 23.47 1.10 3.48
CA LYS A 73 24.01 0.11 4.41
C LYS A 73 22.97 -0.31 5.45
N CYS A 74 22.99 -1.60 5.81
CA CYS A 74 22.08 -2.16 6.81
C CYS A 74 22.84 -2.40 8.11
N ASP A 75 22.16 -2.21 9.24
CA ASP A 75 22.77 -2.47 10.54
C ASP A 75 21.74 -3.32 11.29
N LYS A 76 21.74 -4.63 11.03
CA LYS A 76 20.79 -5.55 11.65
C LYS A 76 20.81 -5.53 13.18
N GLU A 77 21.93 -5.14 13.76
CA GLU A 77 22.03 -5.08 15.21
C GLU A 77 21.15 -3.97 15.76
N LYS A 78 21.36 -2.75 15.27
CA LYS A 78 20.57 -1.61 15.71
C LYS A 78 19.22 -1.50 15.02
N ASN A 79 18.97 -2.34 14.04
CA ASN A 79 17.70 -2.28 13.31
C ASN A 79 17.63 -0.97 12.51
N LEU A 80 18.74 -0.60 11.88
CA LEU A 80 18.80 0.64 11.10
C LEU A 80 19.12 0.40 9.64
N LEU A 81 18.60 1.31 8.80
CA LEU A 81 18.84 1.32 7.36
C LEU A 81 19.38 2.70 7.02
N HIS A 82 20.59 2.78 6.46
CA HIS A 82 21.18 4.07 6.12
C HIS A 82 21.27 4.33 4.62
N VAL A 83 20.77 5.48 4.20
CA VAL A 83 20.84 5.89 2.79
C VAL A 83 21.59 7.21 2.78
N THR A 84 22.82 7.18 2.29
CA THR A 84 23.66 8.38 2.28
C THR A 84 24.05 8.83 0.88
N ASP A 85 23.89 10.13 0.64
CA ASP A 85 24.25 10.71 -0.66
C ASP A 85 25.18 11.88 -0.42
N THR A 86 26.02 12.14 -1.41
CA THR A 86 26.93 13.27 -1.34
C THR A 86 26.36 14.41 -2.19
N GLY A 87 25.03 14.53 -2.13
CA GLY A 87 24.35 15.59 -2.86
C GLY A 87 24.55 16.95 -2.23
N VAL A 88 23.67 17.89 -2.59
CA VAL A 88 23.73 19.27 -2.13
C VAL A 88 23.55 19.44 -0.61
N GLY A 89 22.89 18.49 0.03
CA GLY A 89 22.67 18.62 1.46
C GLY A 89 21.60 19.66 1.75
N MET A 90 21.32 19.88 3.03
CA MET A 90 20.31 20.84 3.47
C MET A 90 20.83 21.66 4.65
N THR A 91 20.49 22.94 4.67
CA THR A 91 20.89 23.82 5.75
C THR A 91 19.92 23.52 6.90
N ARG A 92 20.16 24.12 8.06
CA ARG A 92 19.28 23.93 9.21
C ARG A 92 17.86 24.39 8.87
N GLU A 93 17.75 25.58 8.27
CA GLU A 93 16.46 26.14 7.93
C GLU A 93 15.73 25.20 7.00
N GLU A 94 16.47 24.58 6.07
CA GLU A 94 15.90 23.63 5.13
C GLU A 94 15.40 22.37 5.80
N LEU A 95 16.15 21.87 6.78
CA LEU A 95 15.71 20.67 7.49
C LEU A 95 14.41 20.97 8.21
N VAL A 96 14.36 22.13 8.86
CA VAL A 96 13.19 22.55 9.62
C VAL A 96 11.95 22.84 8.77
N LYS A 97 12.15 23.39 7.59
CA LYS A 97 11.01 23.72 6.74
C LYS A 97 10.68 22.68 5.66
N ASN A 98 11.71 22.10 5.06
CA ASN A 98 11.50 21.11 4.00
C ASN A 98 11.19 19.72 4.55
N LEU A 99 11.63 19.44 5.78
CA LEU A 99 11.39 18.15 6.39
C LEU A 99 10.49 18.33 7.60
N GLY A 100 10.79 19.34 8.41
CA GLY A 100 10.01 19.61 9.59
C GLY A 100 8.51 19.66 9.37
N THR A 101 8.06 20.58 8.53
CA THR A 101 6.63 20.73 8.25
C THR A 101 6.06 19.48 7.57
N ILE A 102 6.87 18.87 6.71
CA ILE A 102 6.47 17.67 5.99
C ILE A 102 6.18 16.49 6.93
N ALA A 103 7.11 16.23 7.83
CA ALA A 103 6.99 15.11 8.77
C ALA A 103 6.35 15.44 10.11
N LYS A 104 5.89 16.68 10.28
CA LYS A 104 5.27 17.03 11.54
C LYS A 104 3.76 16.92 11.39
N SER A 105 3.26 15.69 11.55
CA SER A 105 1.83 15.43 11.48
C SER A 105 1.37 14.87 12.82
N GLY A 106 1.55 15.68 13.88
CA GLY A 106 1.16 15.27 15.21
C GLY A 106 -0.35 15.28 15.38
N THR A 107 -0.82 15.66 16.56
CA THR A 107 -2.25 15.70 16.85
C THR A 107 -3.00 16.83 16.14
N SER A 108 -2.42 18.03 16.17
CA SER A 108 -3.05 19.19 15.54
C SER A 108 -2.85 19.21 14.02
N GLU A 109 -1.64 18.90 13.58
CA GLU A 109 -1.33 18.88 12.15
C GLU A 109 -2.18 17.86 11.44
N PHE A 110 -2.18 16.63 11.96
CA PHE A 110 -2.95 15.53 11.39
C PHE A 110 -4.42 15.89 11.17
N LEU A 111 -5.04 16.46 12.20
CA LEU A 111 -6.45 16.85 12.15
C LEU A 111 -6.70 17.95 11.12
N ASN A 112 -5.87 18.98 11.12
CA ASN A 112 -6.01 20.09 10.19
C ASN A 112 -6.03 19.62 8.74
N LYS A 113 -5.07 18.77 8.38
CA LYS A 113 -5.00 18.24 7.01
C LYS A 113 -6.27 17.47 6.65
N MET A 114 -6.86 16.82 7.64
CA MET A 114 -8.06 16.04 7.42
C MET A 114 -9.29 16.91 7.19
N THR A 115 -9.39 18.01 7.93
CA THR A 115 -10.52 18.91 7.76
C THR A 115 -10.36 19.61 6.42
N GLU A 116 -9.13 20.05 6.15
CA GLU A 116 -8.82 20.71 4.88
C GLU A 116 -9.13 19.72 3.78
N ALA A 117 -8.77 18.46 4.02
CA ALA A 117 -9.01 17.39 3.06
C ALA A 117 -10.51 17.13 2.99
N GLN A 118 -11.18 17.31 4.14
CA GLN A 118 -12.62 17.11 4.24
C GLN A 118 -13.36 18.11 3.37
N GLU A 119 -12.99 19.37 3.50
CA GLU A 119 -13.62 20.43 2.74
C GLU A 119 -13.03 20.58 1.32
N ASP A 120 -11.76 20.22 1.15
CA ASP A 120 -11.11 20.31 -0.16
C ASP A 120 -11.69 19.30 -1.14
N GLY A 121 -12.32 18.27 -0.60
CA GLY A 121 -12.89 17.24 -1.44
C GLY A 121 -11.90 16.10 -1.60
N GLN A 122 -10.68 16.34 -1.13
CA GLN A 122 -9.60 15.35 -1.20
C GLN A 122 -10.09 14.00 -0.73
N SER A 123 -10.35 13.10 -1.67
CA SER A 123 -10.84 11.76 -1.39
C SER A 123 -9.90 10.99 -0.46
N THR A 124 -10.39 9.90 0.11
CA THR A 124 -9.58 9.07 1.00
C THR A 124 -8.36 8.62 0.21
N SER A 125 -8.58 8.29 -1.06
CA SER A 125 -7.49 7.84 -1.94
C SER A 125 -6.35 8.84 -1.90
N GLU A 126 -6.63 10.08 -2.31
CA GLU A 126 -5.61 11.12 -2.32
C GLU A 126 -4.89 11.20 -0.97
N LEU A 127 -5.60 10.87 0.10
CA LEU A 127 -5.05 10.90 1.44
C LEU A 127 -4.09 9.75 1.71
N ILE A 128 -4.57 8.52 1.55
CA ILE A 128 -3.74 7.33 1.77
C ILE A 128 -2.56 7.35 0.81
N GLY A 129 -2.77 7.96 -0.34
CA GLY A 129 -1.73 8.06 -1.35
C GLY A 129 -0.58 8.94 -0.91
N GLN A 130 -0.85 9.94 -0.07
CA GLN A 130 0.19 10.82 0.41
C GLN A 130 1.20 10.07 1.28
N PHE A 131 0.74 8.96 1.86
CA PHE A 131 1.59 8.13 2.72
C PHE A 131 2.63 7.34 1.95
N GLY A 132 2.50 7.31 0.62
CA GLY A 132 3.43 6.55 -0.18
C GLY A 132 4.29 7.36 -1.13
N VAL A 133 4.34 8.66 -0.95
CA VAL A 133 5.16 9.48 -1.84
C VAL A 133 6.06 10.48 -1.13
N GLY A 134 7.26 10.67 -1.66
CA GLY A 134 8.18 11.61 -1.05
C GLY A 134 8.81 11.09 0.22
N PHE A 135 9.47 12.01 0.91
CA PHE A 135 10.18 11.73 2.14
C PHE A 135 9.31 11.02 3.19
N TYR A 136 8.08 11.51 3.35
CA TYR A 136 7.15 10.93 4.33
C TYR A 136 6.94 9.44 4.14
N SER A 137 7.19 8.93 2.94
CA SER A 137 7.02 7.50 2.69
C SER A 137 7.97 6.66 3.56
N ALA A 138 8.95 7.32 4.17
CA ALA A 138 9.89 6.59 5.00
C ALA A 138 9.15 5.97 6.18
N PHE A 139 8.13 6.66 6.65
CA PHE A 139 7.35 6.18 7.79
C PHE A 139 6.51 4.93 7.57
N LEU A 140 6.52 4.40 6.35
CA LEU A 140 5.78 3.18 6.07
C LEU A 140 6.52 2.02 6.73
N VAL A 141 7.86 2.12 6.76
CA VAL A 141 8.71 1.08 7.34
C VAL A 141 9.50 1.50 8.57
N ALA A 142 9.39 2.76 8.98
CA ALA A 142 10.15 3.21 10.15
C ALA A 142 9.32 3.92 11.22
N ASP A 143 9.73 3.73 12.49
CA ASP A 143 9.08 4.35 13.64
C ASP A 143 9.74 5.69 13.88
N LYS A 144 11.00 5.77 13.47
CA LYS A 144 11.76 7.00 13.64
C LYS A 144 12.70 7.22 12.46
N VAL A 145 12.85 8.48 12.06
CA VAL A 145 13.72 8.83 10.95
C VAL A 145 14.69 9.87 11.47
N ILE A 146 15.98 9.62 11.23
CA ILE A 146 17.03 10.53 11.66
C ILE A 146 17.77 11.00 10.39
N VAL A 147 17.82 12.31 10.20
CA VAL A 147 18.46 12.87 9.02
C VAL A 147 19.65 13.71 9.39
N THR A 148 20.83 13.29 8.91
CA THR A 148 22.05 14.05 9.16
C THR A 148 22.43 14.74 7.84
N SER A 149 22.57 16.07 7.85
CA SER A 149 22.89 16.73 6.60
C SER A 149 23.87 17.89 6.71
N LYS A 150 24.66 18.07 5.64
CA LYS A 150 25.65 19.13 5.56
C LYS A 150 25.53 19.78 4.20
N HIS A 151 25.28 21.07 4.20
CA HIS A 151 25.13 21.84 2.98
C HIS A 151 26.29 22.84 2.99
N ASN A 152 26.84 23.16 1.81
CA ASN A 152 27.96 24.09 1.75
C ASN A 152 27.75 25.41 2.48
N ASN A 153 26.51 25.85 2.64
CA ASN A 153 26.24 27.12 3.29
C ASN A 153 25.92 27.05 4.78
N ASP A 154 26.20 25.93 5.43
CA ASP A 154 25.89 25.81 6.85
C ASP A 154 26.69 24.67 7.46
N THR A 155 26.54 24.47 8.77
CA THR A 155 27.26 23.39 9.45
C THR A 155 26.41 22.14 9.43
N GLN A 156 27.02 21.00 9.75
CA GLN A 156 26.29 19.74 9.76
C GLN A 156 25.26 19.73 10.90
N HIS A 157 24.04 19.29 10.60
CA HIS A 157 22.97 19.22 11.58
C HIS A 157 22.30 17.86 11.58
N ILE A 158 21.54 17.60 12.65
CA ILE A 158 20.80 16.36 12.78
C ILE A 158 19.34 16.73 13.04
N TRP A 159 18.45 16.00 12.39
CA TRP A 159 17.03 16.21 12.49
C TRP A 159 16.44 14.87 12.84
N GLU A 160 15.47 14.86 13.75
CA GLU A 160 14.82 13.62 14.17
C GLU A 160 13.30 13.77 14.22
N SER A 161 12.60 12.71 13.83
CA SER A 161 11.15 12.73 13.89
C SER A 161 10.56 11.33 13.93
N ASP A 162 9.39 11.24 14.53
CA ASP A 162 8.67 9.98 14.65
C ASP A 162 7.31 10.22 14.01
N SER A 163 7.29 11.13 13.03
CA SER A 163 6.09 11.50 12.28
C SER A 163 5.10 12.32 13.09
N ASN A 164 5.34 12.44 14.39
CA ASN A 164 4.45 13.21 15.25
C ASN A 164 5.09 14.54 15.60
N GLU A 165 6.39 14.52 15.88
CA GLU A 165 7.15 15.72 16.23
C GLU A 165 8.50 15.64 15.53
N PHE A 166 9.27 16.72 15.60
CA PHE A 166 10.60 16.71 15.00
C PHE A 166 11.51 17.64 15.78
N SER A 167 12.80 17.33 15.79
CA SER A 167 13.77 18.14 16.50
C SER A 167 15.03 18.25 15.67
N VAL A 168 15.78 19.31 15.88
CA VAL A 168 17.01 19.53 15.13
C VAL A 168 18.06 20.28 15.93
N ILE A 169 19.28 19.77 15.88
CA ILE A 169 20.40 20.37 16.57
C ILE A 169 21.68 20.16 15.76
N ALA A 170 22.63 21.07 15.96
CA ALA A 170 23.91 20.99 15.27
C ALA A 170 24.56 19.66 15.67
N ASP A 171 25.15 18.97 14.70
CA ASP A 171 25.80 17.70 14.96
C ASP A 171 27.03 17.98 15.83
N PRO A 172 27.08 17.40 17.05
CA PRO A 172 28.21 17.63 17.94
C PRO A 172 29.50 17.03 17.38
N ARG A 173 29.37 16.07 16.47
CA ARG A 173 30.53 15.44 15.86
C ARG A 173 31.20 16.34 14.82
N GLY A 174 30.53 17.42 14.43
CA GLY A 174 31.09 18.33 13.44
C GLY A 174 30.81 17.88 12.01
N ASN A 175 31.63 18.38 11.08
CA ASN A 175 31.48 18.06 9.67
C ASN A 175 32.07 16.68 9.35
N THR A 176 31.23 15.65 9.35
CA THR A 176 31.73 14.32 9.04
C THR A 176 31.28 13.86 7.66
N LEU A 177 30.27 14.51 7.09
CA LEU A 177 29.77 14.14 5.77
C LEU A 177 30.51 14.84 4.64
N GLY A 178 31.10 16.00 4.93
CA GLY A 178 31.78 16.75 3.89
C GLY A 178 30.72 17.59 3.21
N ARG A 179 29.72 16.91 2.65
CA ARG A 179 28.58 17.55 1.99
C ARG A 179 27.61 16.43 1.70
N GLY A 180 26.33 16.67 1.88
CA GLY A 180 25.39 15.60 1.60
C GLY A 180 24.40 15.28 2.70
N THR A 181 23.78 14.11 2.56
CA THR A 181 22.75 13.71 3.49
C THR A 181 22.66 12.22 3.71
N THR A 182 22.49 11.83 4.98
CA THR A 182 22.32 10.42 5.32
C THR A 182 20.89 10.34 5.87
N ILE A 183 20.13 9.38 5.40
CA ILE A 183 18.79 9.20 5.90
C ILE A 183 18.91 7.93 6.73
N THR A 184 18.62 8.02 8.02
CA THR A 184 18.68 6.84 8.87
C THR A 184 17.27 6.44 9.27
N LEU A 185 16.90 5.20 8.98
CA LEU A 185 15.57 4.68 9.30
C LEU A 185 15.62 3.64 10.42
N VAL A 186 14.94 3.91 11.52
CA VAL A 186 14.86 2.97 12.64
C VAL A 186 13.62 2.18 12.25
N LEU A 187 13.86 1.01 11.66
CA LEU A 187 12.77 0.19 11.15
C LEU A 187 11.77 -0.39 12.14
N LYS A 188 10.56 -0.59 11.63
CA LYS A 188 9.46 -1.16 12.39
C LYS A 188 9.72 -2.65 12.46
N GLU A 189 9.31 -3.27 13.56
CA GLU A 189 9.51 -4.70 13.76
C GLU A 189 9.17 -5.49 12.50
N GLU A 190 8.02 -5.20 11.90
CA GLU A 190 7.58 -5.91 10.70
C GLU A 190 8.32 -5.54 9.41
N ALA A 191 9.19 -4.53 9.48
CA ALA A 191 9.93 -4.13 8.28
C ALA A 191 11.35 -4.68 8.31
N SER A 192 11.58 -5.64 9.18
CA SER A 192 12.90 -6.27 9.33
C SER A 192 13.47 -6.85 8.04
N ASP A 193 12.61 -7.16 7.09
CA ASP A 193 13.08 -7.70 5.81
C ASP A 193 14.05 -6.71 5.15
N TYR A 194 13.83 -5.42 5.37
CA TYR A 194 14.68 -4.40 4.78
C TYR A 194 16.05 -4.27 5.46
N LEU A 195 16.40 -5.30 6.22
CA LEU A 195 17.69 -5.33 6.88
C LEU A 195 18.46 -6.48 6.25
N GLU A 196 17.76 -7.22 5.39
CA GLU A 196 18.35 -8.36 4.69
C GLU A 196 19.08 -7.88 3.46
N LEU A 197 20.36 -8.24 3.36
CA LEU A 197 21.19 -7.82 2.25
C LEU A 197 20.61 -8.12 0.87
N ASP A 198 20.11 -9.34 0.69
CA ASP A 198 19.53 -9.74 -0.60
C ASP A 198 18.31 -8.90 -0.97
N THR A 199 17.50 -8.56 0.02
CA THR A 199 16.32 -7.76 -0.23
C THR A 199 16.71 -6.35 -0.68
N ILE A 200 17.66 -5.75 0.04
CA ILE A 200 18.11 -4.41 -0.28
C ILE A 200 18.77 -4.31 -1.65
N LYS A 201 19.63 -5.28 -1.98
CA LYS A 201 20.30 -5.26 -3.27
C LYS A 201 19.30 -5.30 -4.42
N ASN A 202 18.34 -6.20 -4.33
CA ASN A 202 17.34 -6.32 -5.38
C ASN A 202 16.58 -5.02 -5.58
N LEU A 203 16.07 -4.45 -4.50
CA LEU A 203 15.32 -3.21 -4.60
C LEU A 203 16.15 -2.05 -5.13
N VAL A 204 17.36 -1.87 -4.58
CA VAL A 204 18.21 -0.79 -5.05
C VAL A 204 18.41 -0.95 -6.55
N LYS A 205 18.71 -2.16 -6.98
CA LYS A 205 18.92 -2.41 -8.39
C LYS A 205 17.64 -2.04 -9.15
N LYS A 206 16.49 -2.28 -8.52
CA LYS A 206 15.20 -1.99 -9.12
C LYS A 206 14.89 -0.52 -9.31
N TYR A 207 15.15 0.28 -8.28
CA TYR A 207 14.84 1.70 -8.37
C TYR A 207 15.99 2.64 -8.71
N SER A 208 17.09 2.13 -9.24
CA SER A 208 18.20 3.00 -9.56
C SER A 208 18.60 2.93 -11.02
N GLN A 209 17.67 2.45 -11.84
CA GLN A 209 17.89 2.31 -13.27
C GLN A 209 18.02 3.65 -14.02
N PHE A 210 17.54 4.74 -13.43
CA PHE A 210 17.63 6.02 -14.12
C PHE A 210 18.28 7.14 -13.33
N ILE A 211 19.25 6.78 -12.49
CA ILE A 211 19.98 7.75 -11.70
C ILE A 211 21.28 7.94 -12.45
N ASN A 212 21.76 9.17 -12.56
CA ASN A 212 23.00 9.42 -13.28
C ASN A 212 24.25 9.22 -12.44
N PHE A 213 24.09 8.63 -11.26
CA PHE A 213 25.19 8.44 -10.33
C PHE A 213 25.29 7.02 -9.75
N PRO A 214 26.49 6.60 -9.37
CA PRO A 214 26.72 5.26 -8.81
C PRO A 214 25.99 5.05 -7.50
N ILE A 215 25.33 3.91 -7.36
CA ILE A 215 24.64 3.57 -6.13
C ILE A 215 25.24 2.28 -5.58
N TYR A 216 25.75 2.36 -4.36
CA TYR A 216 26.38 1.21 -3.73
C TYR A 216 25.63 0.66 -2.52
N VAL A 217 25.86 -0.61 -2.23
CA VAL A 217 25.28 -1.25 -1.07
C VAL A 217 26.41 -1.99 -0.37
N TRP A 218 26.61 -1.69 0.90
CA TRP A 218 27.65 -2.31 1.70
C TRP A 218 27.36 -3.81 1.69
N SER A 219 28.26 -4.61 1.13
CA SER A 219 28.07 -6.06 1.03
C SER A 219 29.32 -6.89 1.24
N SER A 220 29.09 -8.19 1.44
CA SER A 220 30.14 -9.17 1.66
C SER A 220 30.66 -9.73 0.34
N LYS A 221 31.93 -10.11 0.31
CA LYS A 221 32.53 -10.68 -0.90
C LYS A 221 33.66 -11.66 -0.58
N THR A 222 33.40 -12.94 -0.78
CA THR A 222 34.41 -13.98 -0.52
C THR A 222 35.17 -14.34 -1.79
N GLY A 226 40.84 -16.94 2.78
CA GLY A 226 39.99 -15.85 2.34
C GLY A 226 38.80 -15.62 3.26
N LYS A 227 38.99 -14.75 4.25
CA LYS A 227 37.93 -14.43 5.20
C LYS A 227 36.85 -13.60 4.50
N THR A 228 35.69 -13.48 5.13
CA THR A 228 34.60 -12.71 4.55
C THR A 228 34.78 -11.22 4.84
N VAL A 229 35.02 -10.44 3.78
CA VAL A 229 35.21 -8.99 3.92
C VAL A 229 34.01 -8.21 3.37
N TRP A 230 33.78 -7.02 3.91
CA TRP A 230 32.66 -6.18 3.47
C TRP A 230 33.13 -4.88 2.81
N ASP A 231 32.47 -4.51 1.71
CA ASP A 231 32.81 -3.28 0.99
C ASP A 231 31.63 -2.82 0.13
N TRP A 232 31.77 -1.67 -0.51
CA TRP A 232 30.71 -1.14 -1.36
C TRP A 232 30.55 -1.92 -2.66
N GLU A 233 29.35 -2.41 -2.92
CA GLU A 233 29.05 -3.15 -4.14
C GLU A 233 28.18 -2.27 -5.06
N LEU A 234 28.67 -1.95 -6.25
CA LEU A 234 27.93 -1.12 -7.23
C LEU A 234 26.64 -1.81 -7.69
N MET A 235 25.51 -1.14 -7.55
CA MET A 235 24.23 -1.72 -7.93
C MET A 235 23.65 -1.29 -9.28
N ASN A 236 24.20 -0.25 -9.88
CA ASN A 236 23.69 0.20 -11.18
C ASN A 236 24.78 0.57 -12.17
N PHE B 14 -9.22 3.02 25.37
CA PHE B 14 -10.23 1.94 25.13
C PHE B 14 -10.30 1.61 23.64
N GLN B 15 -9.94 0.38 23.29
CA GLN B 15 -9.94 -0.08 21.91
C GLN B 15 -11.22 0.27 21.13
N ALA B 16 -12.37 -0.17 21.64
CA ALA B 16 -13.66 0.09 20.98
C ALA B 16 -13.92 1.58 20.80
N GLU B 17 -13.59 2.36 21.83
CA GLU B 17 -13.79 3.81 21.82
C GLU B 17 -12.98 4.44 20.67
N VAL B 18 -11.66 4.28 20.75
CA VAL B 18 -10.75 4.82 19.75
C VAL B 18 -11.15 4.38 18.34
N ASN B 19 -11.65 3.15 18.22
CA ASN B 19 -12.05 2.61 16.92
C ASN B 19 -13.18 3.41 16.28
N ARG B 20 -14.31 3.50 16.97
CA ARG B 20 -15.45 4.24 16.46
C ARG B 20 -15.03 5.66 16.09
N MET B 21 -14.23 6.28 16.96
CA MET B 21 -13.72 7.63 16.75
C MET B 21 -13.07 7.72 15.38
N MET B 22 -12.14 6.81 15.11
CA MET B 22 -11.45 6.80 13.83
C MET B 22 -12.42 6.54 12.70
N LYS B 23 -13.39 5.67 12.95
CA LYS B 23 -14.40 5.31 11.95
C LYS B 23 -15.16 6.52 11.38
N LEU B 24 -15.73 7.33 12.27
CA LEU B 24 -16.47 8.50 11.82
C LEU B 24 -15.52 9.41 11.05
N ILE B 25 -14.33 9.63 11.62
CA ILE B 25 -13.30 10.45 11.02
C ILE B 25 -12.99 10.01 9.59
N ILE B 26 -12.79 8.70 9.42
CA ILE B 26 -12.48 8.16 8.11
C ILE B 26 -13.60 8.42 7.11
N ASN B 27 -14.83 8.25 7.57
CA ASN B 27 -15.99 8.46 6.70
C ASN B 27 -16.29 9.95 6.52
N SER B 28 -15.70 10.79 7.38
CA SER B 28 -15.93 12.22 7.30
C SER B 28 -15.23 12.80 6.07
N LEU B 29 -14.65 11.91 5.27
CA LEU B 29 -13.96 12.30 4.04
C LEU B 29 -14.64 11.65 2.85
N TYR B 30 -14.49 12.24 1.67
CA TYR B 30 -15.11 11.69 0.47
C TYR B 30 -14.50 10.36 0.03
N LYS B 31 -15.36 9.52 -0.53
CA LYS B 31 -14.95 8.20 -1.02
C LYS B 31 -16.06 7.68 -1.91
N ASN B 32 -15.82 7.62 -3.21
CA ASN B 32 -16.82 7.11 -4.14
C ASN B 32 -16.98 5.63 -3.82
N LYS B 33 -18.12 5.27 -3.23
CA LYS B 33 -18.39 3.90 -2.86
C LYS B 33 -18.29 2.88 -3.99
N GLU B 34 -18.22 3.34 -5.23
CA GLU B 34 -18.12 2.43 -6.37
C GLU B 34 -16.87 1.58 -6.21
N ILE B 35 -15.92 2.07 -5.41
CA ILE B 35 -14.67 1.37 -5.19
C ILE B 35 -14.88 -0.04 -4.63
N PHE B 36 -16.08 -0.34 -4.15
CA PHE B 36 -16.32 -1.68 -3.60
C PHE B 36 -16.11 -2.71 -4.70
N LEU B 37 -16.59 -2.41 -5.89
CA LEU B 37 -16.46 -3.34 -7.01
C LEU B 37 -14.99 -3.57 -7.34
N ARG B 38 -14.21 -2.50 -7.39
CA ARG B 38 -12.79 -2.62 -7.69
C ARG B 38 -12.17 -3.66 -6.77
N GLU B 39 -12.57 -3.62 -5.51
CA GLU B 39 -12.05 -4.54 -4.52
C GLU B 39 -12.49 -5.99 -4.74
N LEU B 40 -13.72 -6.20 -5.20
CA LEU B 40 -14.19 -7.55 -5.46
C LEU B 40 -13.48 -8.11 -6.70
N ILE B 41 -13.34 -7.28 -7.73
CA ILE B 41 -12.69 -7.65 -8.98
C ILE B 41 -11.26 -8.07 -8.67
N SER B 42 -10.64 -7.28 -7.79
CA SER B 42 -9.29 -7.53 -7.38
C SER B 42 -9.19 -8.89 -6.74
N ASN B 43 -9.98 -9.11 -5.70
CA ASN B 43 -9.97 -10.39 -5.00
C ASN B 43 -10.24 -11.57 -5.93
N ALA B 44 -11.12 -11.37 -6.91
CA ALA B 44 -11.42 -12.44 -7.85
C ALA B 44 -10.15 -12.72 -8.64
N SER B 45 -9.57 -11.67 -9.20
CA SER B 45 -8.34 -11.79 -9.99
C SER B 45 -7.28 -12.58 -9.24
N ASP B 46 -7.11 -12.28 -7.95
CA ASP B 46 -6.12 -12.97 -7.15
C ASP B 46 -6.46 -14.44 -7.01
N ALA B 47 -7.75 -14.73 -6.80
CA ALA B 47 -8.21 -16.10 -6.64
C ALA B 47 -7.92 -16.86 -7.91
N LEU B 48 -8.18 -16.24 -9.05
CA LEU B 48 -7.95 -16.88 -10.32
C LEU B 48 -6.46 -17.11 -10.55
N ASP B 49 -5.64 -16.18 -10.06
CA ASP B 49 -4.20 -16.33 -10.24
C ASP B 49 -3.67 -17.53 -9.49
N LYS B 50 -4.14 -17.70 -8.26
CA LYS B 50 -3.68 -18.83 -7.45
C LYS B 50 -4.00 -20.17 -8.09
N ILE B 51 -5.21 -20.31 -8.62
CA ILE B 51 -5.58 -21.57 -9.23
C ILE B 51 -4.93 -21.72 -10.59
N ARG B 52 -4.76 -20.59 -11.30
CA ARG B 52 -4.13 -20.67 -12.61
C ARG B 52 -2.73 -21.24 -12.46
N LEU B 53 -2.01 -20.74 -11.46
CA LEU B 53 -0.66 -21.21 -11.22
C LEU B 53 -0.67 -22.66 -10.83
N ILE B 54 -1.55 -23.01 -9.90
CA ILE B 54 -1.64 -24.38 -9.45
C ILE B 54 -1.88 -25.32 -10.63
N SER B 55 -2.70 -24.90 -11.58
CA SER B 55 -3.00 -25.74 -12.73
C SER B 55 -1.78 -26.04 -13.58
N LEU B 56 -0.70 -25.27 -13.37
CA LEU B 56 0.54 -25.49 -14.13
C LEU B 56 1.37 -26.60 -13.53
N THR B 57 1.03 -27.02 -12.32
CA THR B 57 1.73 -28.09 -11.62
C THR B 57 0.82 -29.28 -11.38
N ASP B 58 -0.43 -28.98 -11.04
CA ASP B 58 -1.45 -29.99 -10.77
C ASP B 58 -2.25 -30.11 -12.06
N GLU B 59 -2.02 -31.18 -12.82
CA GLU B 59 -2.70 -31.36 -14.09
C GLU B 59 -4.23 -31.28 -14.08
N ASN B 60 -4.87 -31.84 -13.05
CA ASN B 60 -6.33 -31.83 -12.99
C ASN B 60 -6.90 -30.79 -12.01
N ALA B 61 -6.12 -29.78 -11.71
CA ALA B 61 -6.53 -28.73 -10.77
C ALA B 61 -7.85 -28.04 -11.18
N LEU B 62 -8.12 -27.98 -12.48
CA LEU B 62 -9.31 -27.31 -12.97
C LEU B 62 -10.51 -28.22 -13.19
N ALA B 63 -10.37 -29.49 -12.85
CA ALA B 63 -11.42 -30.47 -13.01
C ALA B 63 -12.80 -30.02 -12.51
N GLY B 64 -12.81 -29.31 -11.38
CA GLY B 64 -14.07 -28.84 -10.81
C GLY B 64 -14.80 -27.88 -11.72
N ASN B 65 -14.05 -27.04 -12.41
CA ASN B 65 -14.62 -26.06 -13.34
C ASN B 65 -13.48 -25.60 -14.23
N GLU B 66 -13.55 -26.02 -15.49
CA GLU B 66 -12.50 -25.72 -16.47
C GLU B 66 -12.25 -24.27 -16.85
N GLU B 67 -13.20 -23.36 -16.63
CA GLU B 67 -12.95 -21.99 -17.02
C GLU B 67 -12.31 -21.18 -15.89
N LEU B 68 -11.70 -20.07 -16.27
CA LEU B 68 -11.06 -19.16 -15.33
C LEU B 68 -11.64 -17.80 -15.68
N THR B 69 -12.74 -17.44 -15.01
CA THR B 69 -13.42 -16.20 -15.29
C THR B 69 -14.05 -15.51 -14.09
N VAL B 70 -14.66 -14.37 -14.35
CA VAL B 70 -15.37 -13.58 -13.35
C VAL B 70 -16.64 -13.18 -14.06
N LYS B 71 -17.78 -13.55 -13.47
CA LYS B 71 -19.07 -13.22 -14.05
C LYS B 71 -19.92 -12.44 -13.07
N ILE B 72 -20.34 -11.26 -13.51
CA ILE B 72 -21.15 -10.40 -12.67
C ILE B 72 -22.60 -10.51 -13.12
N LYS B 73 -23.48 -10.73 -12.14
CA LYS B 73 -24.90 -10.88 -12.41
C LYS B 73 -25.66 -9.84 -11.59
N CYS B 74 -26.74 -9.31 -12.15
CA CYS B 74 -27.57 -8.31 -11.50
C CYS B 74 -28.99 -8.84 -11.34
N ASP B 75 -29.55 -8.71 -10.14
CA ASP B 75 -30.91 -9.15 -9.89
C ASP B 75 -31.68 -8.00 -9.29
N LYS B 76 -32.13 -7.08 -10.16
CA LYS B 76 -32.87 -5.90 -9.73
C LYS B 76 -34.14 -6.25 -8.97
N GLU B 77 -34.61 -7.48 -9.12
CA GLU B 77 -35.81 -7.92 -8.43
C GLU B 77 -35.52 -8.11 -6.94
N LYS B 78 -34.54 -8.96 -6.65
CA LYS B 78 -34.18 -9.25 -5.28
C LYS B 78 -33.18 -8.24 -4.69
N ASN B 79 -32.81 -7.23 -5.48
CA ASN B 79 -31.87 -6.21 -5.00
C ASN B 79 -30.50 -6.85 -4.69
N LEU B 80 -30.09 -7.80 -5.52
CA LEU B 80 -28.82 -8.49 -5.32
C LEU B 80 -27.83 -8.33 -6.45
N LEU B 81 -26.56 -8.26 -6.08
CA LEU B 81 -25.45 -8.15 -7.03
C LEU B 81 -24.55 -9.36 -6.79
N HIS B 82 -24.33 -10.16 -7.84
CA HIS B 82 -23.48 -11.36 -7.73
C HIS B 82 -22.14 -11.23 -8.46
N VAL B 83 -21.06 -11.55 -7.78
CA VAL B 83 -19.73 -11.50 -8.39
C VAL B 83 -19.15 -12.91 -8.25
N THR B 84 -19.26 -13.71 -9.30
CA THR B 84 -18.77 -15.08 -9.27
C THR B 84 -17.50 -15.30 -10.07
N ASP B 85 -16.50 -15.90 -9.43
CA ASP B 85 -15.25 -16.19 -10.10
C ASP B 85 -15.00 -17.71 -10.01
N THR B 86 -14.20 -18.23 -10.92
CA THR B 86 -13.86 -19.65 -10.89
C THR B 86 -12.42 -19.75 -10.42
N GLY B 87 -12.11 -18.95 -9.40
CA GLY B 87 -10.78 -18.93 -8.82
C GLY B 87 -10.55 -20.16 -7.97
N VAL B 88 -9.63 -20.05 -7.03
CA VAL B 88 -9.29 -21.17 -6.16
C VAL B 88 -10.38 -21.52 -5.13
N GLY B 89 -11.15 -20.52 -4.71
CA GLY B 89 -12.19 -20.77 -3.74
C GLY B 89 -11.63 -20.80 -2.33
N MET B 90 -12.52 -21.01 -1.37
CA MET B 90 -12.17 -21.10 0.05
C MET B 90 -12.88 -22.27 0.72
N THR B 91 -12.17 -22.90 1.65
CA THR B 91 -12.69 -24.01 2.41
C THR B 91 -13.48 -23.42 3.55
N ARG B 92 -14.17 -24.26 4.30
CA ARG B 92 -14.96 -23.77 5.42
C ARG B 92 -14.03 -22.99 6.35
N GLU B 93 -12.87 -23.57 6.65
CA GLU B 93 -11.93 -22.91 7.54
C GLU B 93 -11.51 -21.53 7.02
N GLU B 94 -11.16 -21.46 5.74
CA GLU B 94 -10.75 -20.19 5.18
C GLU B 94 -11.90 -19.19 5.26
N LEU B 95 -13.11 -19.63 4.91
CA LEU B 95 -14.26 -18.73 4.97
C LEU B 95 -14.32 -18.08 6.32
N VAL B 96 -14.22 -18.90 7.36
CA VAL B 96 -14.24 -18.41 8.73
C VAL B 96 -13.02 -17.53 9.04
N LYS B 97 -11.86 -17.97 8.56
CA LYS B 97 -10.61 -17.26 8.82
C LYS B 97 -10.29 -16.06 7.93
N ASN B 98 -10.28 -16.25 6.61
CA ASN B 98 -9.94 -15.16 5.70
C ASN B 98 -10.99 -14.07 5.54
N LEU B 99 -12.21 -14.31 6.02
CA LEU B 99 -13.26 -13.31 5.93
C LEU B 99 -13.58 -12.76 7.30
N THR B 124 -9.18 -4.28 12.37
CA THR B 124 -8.45 -3.46 11.41
C THR B 124 -9.00 -3.65 9.99
N SER B 125 -9.77 -4.72 9.80
CA SER B 125 -10.37 -5.00 8.49
C SER B 125 -11.53 -4.04 8.25
N GLU B 126 -12.39 -3.88 9.23
CA GLU B 126 -13.53 -2.99 9.06
C GLU B 126 -13.07 -1.57 8.71
N LEU B 127 -12.16 -1.02 9.51
CA LEU B 127 -11.67 0.34 9.29
C LEU B 127 -11.11 0.46 7.89
N ILE B 128 -10.35 -0.56 7.54
CA ILE B 128 -9.73 -0.65 6.26
C ILE B 128 -10.82 -0.63 5.20
N GLY B 129 -11.98 -1.18 5.56
CA GLY B 129 -13.11 -1.21 4.67
C GLY B 129 -13.63 0.19 4.45
N GLN B 130 -13.49 1.04 5.47
CA GLN B 130 -13.95 2.42 5.37
C GLN B 130 -13.18 3.17 4.28
N PHE B 131 -11.94 2.76 4.04
CA PHE B 131 -11.12 3.40 3.01
C PHE B 131 -11.44 2.86 1.62
N GLY B 132 -12.43 1.97 1.55
CA GLY B 132 -12.81 1.40 0.26
C GLY B 132 -11.79 0.39 -0.21
N VAL B 133 -11.13 -0.27 0.74
CA VAL B 133 -10.11 -1.27 0.43
C VAL B 133 -10.36 -2.60 1.18
N GLY B 134 -10.21 -3.70 0.46
CA GLY B 134 -10.42 -5.00 1.08
C GLY B 134 -11.84 -5.51 1.01
N PHE B 135 -12.03 -6.75 1.47
CA PHE B 135 -13.32 -7.41 1.48
C PHE B 135 -14.42 -6.56 2.13
N TYR B 136 -14.08 -5.94 3.26
CA TYR B 136 -15.04 -5.12 3.97
C TYR B 136 -15.59 -3.90 3.23
N SER B 137 -15.02 -3.56 2.09
CA SER B 137 -15.51 -2.41 1.33
C SER B 137 -16.92 -2.72 0.80
N ALA B 138 -17.28 -4.00 0.77
CA ALA B 138 -18.60 -4.41 0.30
C ALA B 138 -19.71 -3.81 1.16
N PHE B 139 -19.43 -3.65 2.45
CA PHE B 139 -20.43 -3.10 3.36
C PHE B 139 -20.71 -1.63 3.15
N LEU B 140 -19.95 -1.00 2.26
CA LEU B 140 -20.16 0.40 1.95
C LEU B 140 -21.44 0.50 1.12
N VAL B 141 -21.81 -0.62 0.51
CA VAL B 141 -22.99 -0.66 -0.34
C VAL B 141 -24.01 -1.73 0.04
N ALA B 142 -23.62 -2.63 0.94
CA ALA B 142 -24.51 -3.72 1.34
C ALA B 142 -24.75 -3.86 2.83
N ASP B 143 -25.98 -4.21 3.17
CA ASP B 143 -26.38 -4.41 4.56
C ASP B 143 -26.03 -5.84 4.93
N LYS B 144 -25.95 -6.70 3.92
CA LYS B 144 -25.64 -8.10 4.15
C LYS B 144 -24.78 -8.62 2.99
N VAL B 145 -23.81 -9.45 3.31
CA VAL B 145 -22.96 -10.05 2.29
C VAL B 145 -22.99 -11.54 2.45
N ILE B 146 -23.31 -12.23 1.37
CA ILE B 146 -23.39 -13.68 1.37
C ILE B 146 -22.31 -14.24 0.45
N VAL B 147 -21.46 -15.10 0.99
CA VAL B 147 -20.38 -15.71 0.20
C VAL B 147 -20.51 -17.20 0.03
N THR B 148 -20.63 -17.64 -1.22
CA THR B 148 -20.75 -19.06 -1.52
C THR B 148 -19.41 -19.45 -2.15
N SER B 149 -18.78 -20.50 -1.64
CA SER B 149 -17.50 -20.88 -2.19
C SER B 149 -17.21 -22.37 -2.13
N LYS B 150 -16.57 -22.85 -3.19
CA LYS B 150 -16.20 -24.26 -3.31
C LYS B 150 -14.70 -24.32 -3.63
N HIS B 151 -13.96 -24.98 -2.75
CA HIS B 151 -12.52 -25.17 -2.88
C HIS B 151 -12.29 -26.66 -3.14
N ASN B 152 -11.28 -26.99 -3.95
CA ASN B 152 -11.00 -28.39 -4.26
C ASN B 152 -10.82 -29.27 -3.01
N ASN B 153 -10.42 -28.69 -1.89
CA ASN B 153 -10.18 -29.48 -0.68
C ASN B 153 -11.30 -29.57 0.33
N ASP B 154 -12.49 -29.10 -0.02
CA ASP B 154 -13.61 -29.14 0.93
C ASP B 154 -14.91 -29.07 0.14
N THR B 155 -16.03 -29.16 0.83
CA THR B 155 -17.32 -29.10 0.17
C THR B 155 -17.78 -27.64 0.06
N GLN B 156 -18.81 -27.40 -0.73
CA GLN B 156 -19.33 -26.04 -0.90
C GLN B 156 -20.00 -25.52 0.36
N HIS B 157 -19.64 -24.32 0.76
CA HIS B 157 -20.23 -23.71 1.96
C HIS B 157 -20.74 -22.31 1.65
N ILE B 158 -21.55 -21.81 2.57
CA ILE B 158 -22.13 -20.48 2.48
C ILE B 158 -21.81 -19.75 3.77
N TRP B 159 -21.26 -18.56 3.62
CA TRP B 159 -20.87 -17.70 4.73
C TRP B 159 -21.80 -16.50 4.61
N GLU B 160 -22.25 -15.98 5.74
CA GLU B 160 -23.16 -14.84 5.75
C GLU B 160 -22.87 -13.85 6.87
N SER B 161 -22.92 -12.57 6.55
CA SER B 161 -22.67 -11.56 7.57
C SER B 161 -23.31 -10.21 7.28
N ASP B 162 -23.65 -9.51 8.36
CA ASP B 162 -24.24 -8.19 8.27
C ASP B 162 -23.23 -7.20 8.85
N SER B 163 -21.98 -7.65 8.93
CA SER B 163 -20.86 -6.86 9.44
C SER B 163 -20.64 -7.02 10.94
N ASN B 164 -21.71 -7.33 11.66
CA ASN B 164 -21.62 -7.53 13.10
C ASN B 164 -21.38 -8.99 13.41
N GLU B 165 -22.34 -9.83 13.07
CA GLU B 165 -22.23 -11.26 13.29
C GLU B 165 -22.03 -11.97 11.96
N PHE B 166 -21.57 -13.21 12.00
CA PHE B 166 -21.36 -13.98 10.79
C PHE B 166 -21.72 -15.43 11.02
N SER B 167 -22.25 -16.09 9.99
CA SER B 167 -22.63 -17.48 10.10
C SER B 167 -22.15 -18.28 8.91
N VAL B 168 -22.00 -19.58 9.10
CA VAL B 168 -21.53 -20.45 8.03
C VAL B 168 -22.16 -21.84 8.12
N ILE B 169 -22.55 -22.38 6.97
CA ILE B 169 -23.16 -23.69 6.89
C ILE B 169 -22.81 -24.32 5.54
N ALA B 170 -22.84 -25.65 5.47
CA ALA B 170 -22.56 -26.35 4.22
C ALA B 170 -23.73 -26.07 3.30
N ASP B 171 -23.45 -25.84 2.02
CA ASP B 171 -24.48 -25.54 1.03
C ASP B 171 -25.38 -26.78 0.86
N PRO B 172 -26.69 -26.63 1.11
CA PRO B 172 -27.65 -27.74 0.98
C PRO B 172 -27.66 -28.26 -0.45
N ARG B 173 -27.48 -27.33 -1.39
CA ARG B 173 -27.46 -27.66 -2.82
C ARG B 173 -26.24 -28.47 -3.27
N GLY B 174 -25.29 -28.70 -2.38
CA GLY B 174 -24.11 -29.44 -2.77
C GLY B 174 -23.18 -28.60 -3.65
N ASN B 175 -22.27 -29.25 -4.37
CA ASN B 175 -21.31 -28.54 -5.21
C ASN B 175 -21.91 -28.02 -6.52
N THR B 176 -22.29 -26.75 -6.54
CA THR B 176 -22.88 -26.15 -7.74
C THR B 176 -21.96 -25.16 -8.46
N LEU B 177 -20.90 -24.72 -7.79
CA LEU B 177 -19.98 -23.77 -8.43
C LEU B 177 -18.89 -24.49 -9.21
N GLY B 178 -18.64 -25.74 -8.86
CA GLY B 178 -17.56 -26.50 -9.50
C GLY B 178 -16.30 -26.20 -8.72
N ARG B 179 -15.91 -24.94 -8.71
CA ARG B 179 -14.76 -24.42 -7.97
C ARG B 179 -14.90 -22.92 -8.10
N GLY B 180 -14.61 -22.17 -7.04
CA GLY B 180 -14.75 -20.74 -7.16
C GLY B 180 -15.50 -20.10 -6.02
N THR B 181 -15.86 -18.85 -6.21
CA THR B 181 -16.52 -18.10 -5.16
C THR B 181 -17.50 -17.08 -5.67
N THR B 182 -18.68 -17.04 -5.06
CA THR B 182 -19.69 -16.06 -5.42
C THR B 182 -19.91 -15.12 -4.25
N ILE B 183 -19.71 -13.84 -4.51
CA ILE B 183 -19.93 -12.82 -3.50
C ILE B 183 -21.30 -12.24 -3.85
N THR B 184 -22.26 -12.38 -2.93
CA THR B 184 -23.60 -11.85 -3.16
C THR B 184 -23.85 -10.67 -2.23
N LEU B 185 -24.15 -9.51 -2.82
CA LEU B 185 -24.40 -8.31 -2.05
C LEU B 185 -25.88 -7.94 -1.98
N VAL B 186 -26.42 -7.86 -0.76
CA VAL B 186 -27.82 -7.44 -0.59
C VAL B 186 -27.64 -5.93 -0.46
N LEU B 187 -27.76 -5.22 -1.56
CA LEU B 187 -27.55 -3.77 -1.59
C LEU B 187 -28.42 -2.89 -0.72
N LYS B 188 -27.79 -1.83 -0.21
CA LYS B 188 -28.47 -0.85 0.64
C LYS B 188 -29.37 -0.05 -0.29
N GLU B 189 -30.54 0.32 0.20
CA GLU B 189 -31.51 1.07 -0.60
C GLU B 189 -30.88 2.16 -1.46
N GLU B 190 -30.02 2.98 -0.88
CA GLU B 190 -29.39 4.07 -1.62
C GLU B 190 -28.36 3.61 -2.65
N ALA B 191 -28.07 2.31 -2.67
CA ALA B 191 -27.08 1.77 -3.61
C ALA B 191 -27.71 0.99 -4.75
N SER B 192 -29.04 1.04 -4.85
CA SER B 192 -29.77 0.33 -5.89
C SER B 192 -29.35 0.76 -7.29
N ASP B 193 -28.61 1.87 -7.37
CA ASP B 193 -28.15 2.38 -8.66
C ASP B 193 -27.21 1.42 -9.37
N TYR B 194 -26.52 0.59 -8.59
CA TYR B 194 -25.57 -0.37 -9.14
C TYR B 194 -26.24 -1.52 -9.91
N LEU B 195 -27.50 -1.77 -9.61
CA LEU B 195 -28.22 -2.84 -10.29
C LEU B 195 -28.46 -2.51 -11.77
N GLU B 196 -28.31 -1.24 -12.15
CA GLU B 196 -28.51 -0.85 -13.54
C GLU B 196 -27.42 -1.41 -14.45
N LEU B 197 -27.85 -2.05 -15.52
CA LEU B 197 -26.94 -2.66 -16.48
C LEU B 197 -25.75 -1.79 -16.87
N ASP B 198 -26.03 -0.71 -17.59
CA ASP B 198 -24.99 0.19 -18.05
C ASP B 198 -24.09 0.72 -16.95
N THR B 199 -24.64 0.91 -15.75
CA THR B 199 -23.84 1.39 -14.65
C THR B 199 -22.78 0.37 -14.27
N ILE B 200 -23.22 -0.88 -14.10
CA ILE B 200 -22.29 -1.94 -13.71
C ILE B 200 -21.25 -2.20 -14.79
N LYS B 201 -21.67 -2.20 -16.05
CA LYS B 201 -20.73 -2.42 -17.14
C LYS B 201 -19.63 -1.36 -17.09
N ASN B 202 -20.03 -0.10 -17.01
CA ASN B 202 -19.08 1.01 -16.95
C ASN B 202 -18.11 0.83 -15.78
N LEU B 203 -18.65 0.53 -14.60
CA LEU B 203 -17.82 0.33 -13.42
C LEU B 203 -16.81 -0.80 -13.59
N VAL B 204 -17.26 -1.91 -14.18
CA VAL B 204 -16.39 -3.06 -14.41
C VAL B 204 -15.25 -2.71 -15.34
N LYS B 205 -15.58 -2.12 -16.48
CA LYS B 205 -14.57 -1.72 -17.45
C LYS B 205 -13.59 -0.79 -16.74
N LYS B 206 -14.13 0.10 -15.93
CA LYS B 206 -13.34 1.08 -15.20
C LYS B 206 -12.27 0.49 -14.28
N TYR B 207 -12.43 -0.77 -13.87
CA TYR B 207 -11.46 -1.38 -12.97
C TYR B 207 -10.97 -2.76 -13.40
N SER B 208 -11.16 -3.11 -14.66
CA SER B 208 -10.72 -4.44 -15.11
C SER B 208 -9.72 -4.38 -16.27
N GLN B 209 -9.16 -3.21 -16.50
CA GLN B 209 -8.21 -3.03 -17.58
C GLN B 209 -6.95 -3.90 -17.48
N PHE B 210 -6.42 -4.08 -16.28
CA PHE B 210 -5.20 -4.87 -16.11
C PHE B 210 -5.35 -6.24 -15.44
N ILE B 211 -6.57 -6.77 -15.43
CA ILE B 211 -6.80 -8.08 -14.84
C ILE B 211 -6.45 -9.16 -15.86
N ASN B 212 -5.70 -10.17 -15.41
CA ASN B 212 -5.25 -11.25 -16.29
C ASN B 212 -6.30 -12.31 -16.59
N PHE B 213 -7.58 -11.98 -16.42
CA PHE B 213 -8.66 -12.93 -16.69
C PHE B 213 -9.88 -12.16 -17.19
N PRO B 214 -10.71 -12.81 -18.02
CA PRO B 214 -11.91 -12.18 -18.58
C PRO B 214 -12.96 -11.89 -17.51
N ILE B 215 -13.69 -10.79 -17.67
CA ILE B 215 -14.75 -10.40 -16.74
C ILE B 215 -16.00 -10.10 -17.55
N TYR B 216 -17.09 -10.79 -17.22
CA TYR B 216 -18.34 -10.60 -17.94
C TYR B 216 -19.47 -10.06 -17.06
N VAL B 217 -20.54 -9.62 -17.72
CA VAL B 217 -21.71 -9.09 -17.06
C VAL B 217 -22.91 -9.67 -17.77
N TRP B 218 -23.76 -10.38 -17.02
CA TRP B 218 -24.94 -10.98 -17.61
C TRP B 218 -25.78 -9.86 -18.25
N SER B 219 -25.54 -9.61 -19.52
CA SER B 219 -26.26 -8.56 -20.22
C SER B 219 -27.29 -9.09 -21.20
N SER B 220 -27.89 -8.18 -21.96
CA SER B 220 -28.89 -8.55 -22.96
C SER B 220 -28.65 -7.79 -24.26
N LYS B 221 -29.41 -8.18 -25.28
CA LYS B 221 -29.31 -7.57 -26.60
C LYS B 221 -30.58 -7.95 -27.38
N THR B 222 -30.77 -7.32 -28.53
CA THR B 222 -31.93 -7.59 -29.37
C THR B 222 -31.84 -8.97 -30.00
N THR B 228 -35.87 -10.15 -26.67
CA THR B 228 -34.52 -9.77 -26.26
C THR B 228 -33.71 -10.98 -25.81
N VAL B 229 -32.43 -11.00 -26.18
CA VAL B 229 -31.55 -12.11 -25.82
C VAL B 229 -30.67 -11.75 -24.62
N TRP B 230 -30.31 -12.77 -23.84
CA TRP B 230 -29.46 -12.58 -22.67
C TRP B 230 -28.26 -13.52 -22.64
N ASP B 231 -27.08 -12.96 -22.37
CA ASP B 231 -25.85 -13.75 -22.31
C ASP B 231 -24.73 -12.93 -21.67
N TRP B 232 -23.60 -13.57 -21.38
CA TRP B 232 -22.47 -12.89 -20.76
C TRP B 232 -21.79 -11.99 -21.79
N GLU B 233 -21.37 -10.80 -21.36
CA GLU B 233 -20.72 -9.85 -22.25
C GLU B 233 -19.35 -9.46 -21.71
N LEU B 234 -18.31 -9.73 -22.48
CA LEU B 234 -16.95 -9.41 -22.05
C LEU B 234 -16.81 -7.93 -21.74
N MET B 235 -15.93 -7.60 -20.80
CA MET B 235 -15.72 -6.21 -20.41
C MET B 235 -14.25 -5.80 -20.45
N ASN B 236 -13.35 -6.73 -20.70
CA ASN B 236 -11.93 -6.38 -20.75
C ASN B 236 -11.16 -7.17 -21.79
MG MG C . 10.87 13.15 -3.66
PB ATP D . 9.94 16.29 -3.41
O1B ATP D . 11.07 15.39 -3.75
O2B ATP D . 10.40 17.83 -3.32
O3B ATP D . 8.78 16.23 -4.51
PA ATP D . 9.95 15.01 -0.91
O1A ATP D . 9.00 14.82 0.20
O2A ATP D . 10.49 13.81 -1.58
O3A ATP D . 9.24 15.96 -2.00
O5' ATP D . 11.17 15.93 -0.41
C5' ATP D . 10.91 17.25 0.08
C4' ATP D . 12.22 18.05 0.18
O4' ATP D . 13.14 17.50 1.13
C3' ATP D . 12.97 17.99 -1.15
O3' ATP D . 12.38 18.91 -2.05
C2' ATP D . 14.31 18.53 -0.67
O2' ATP D . 14.22 19.95 -0.49
C1' ATP D . 14.47 17.84 0.69
N9 ATP D . 15.24 16.58 0.58
C8 ATP D . 14.77 15.34 0.75
N7 ATP D . 15.78 14.47 0.66
C5 ATP D . 16.89 15.15 0.43
C6 ATP D . 18.22 14.78 0.26
N6 ATP D . 18.60 13.51 0.32
N1 ATP D . 19.17 15.79 0.03
C2 ATP D . 18.76 17.14 -0.03
N3 ATP D . 17.48 17.43 0.15
C4 ATP D . 16.55 16.50 0.38
C5 PG4 E . 27.56 9.78 9.81
C6 PG4 E . 26.08 10.07 10.05
O4 PG4 E . 25.60 9.28 11.16
C7 PG4 E . 24.22 9.57 11.40
C8 PG4 E . 23.73 8.74 12.59
O5 PG4 E . 22.36 9.03 12.86
C5 PG4 F . 34.13 19.61 16.80
C6 PG4 F . 33.12 20.71 16.50
O4 PG4 F . 31.87 20.41 17.14
C7 PG4 F . 30.91 21.43 16.85
C8 PG4 F . 29.59 21.09 17.53
O5 PG4 F . 28.62 22.11 17.25
C5 PG4 G . 29.94 10.23 6.41
C6 PG4 G . 29.06 9.03 6.09
O4 PG4 G . 28.44 8.57 7.31
C7 PG4 G . 27.62 7.43 7.03
C8 PG4 G . 26.98 6.93 8.33
O5 PG4 G . 26.17 5.79 8.07
MG MG H . -8.04 -7.32 -1.69
PB ATP I . -6.47 -8.95 0.57
O1B ATP I . -7.00 -9.21 -0.79
O2B ATP I . -5.78 -10.25 1.22
O3B ATP I . -5.35 -7.79 0.60
PA ATP I . -9.16 -8.67 1.33
O1A ATP I . -9.90 -8.12 2.50
O2A ATP I . -9.44 -8.11 -0.01
O3A ATP I . -7.59 -8.49 1.63
O5' ATP I . -9.36 -10.27 1.28
C5' ATP I . -8.97 -11.08 2.40
C4' ATP I . -8.94 -12.56 2.02
O4' ATP I . -10.24 -13.13 1.77
C3' ATP I . -8.17 -12.80 0.73
O3' ATP I . -6.77 -12.72 1.01
C2' ATP I . -8.56 -14.26 0.51
O2' ATP I . -7.87 -15.09 1.45
C1' ATP I . -10.06 -14.22 0.86
N9 ATP I . -10.87 -13.94 -0.34
C8 ATP I . -11.55 -12.82 -0.60
N7 ATP I . -12.18 -12.94 -1.77
C5 ATP I . -11.91 -14.13 -2.27
C6 ATP I . -12.27 -14.80 -3.43
N6 ATP I . -13.02 -14.18 -4.35
N1 ATP I . -11.81 -16.10 -3.65
C2 ATP I . -10.98 -16.70 -2.69
N3 ATP I . -10.65 -16.04 -1.59
C4 ATP I . -11.09 -14.79 -1.35
O2 PG4 J . -27.05 -17.45 -2.77
C3 PG4 J . -26.35 -17.32 -4.02
C4 PG4 J . -25.45 -18.54 -4.23
O3 PG4 J . -24.76 -18.42 -5.49
C5 PG4 J . -23.92 -19.55 -5.70
O2 PG4 K . -24.96 -17.26 -9.55
C3 PG4 K . -25.64 -16.83 -8.35
C4 PG4 K . -26.90 -16.06 -8.73
O3 PG4 K . -27.78 -16.91 -9.49
C5 PG4 K . -28.97 -16.19 -9.84
#